data_4WJS
#
_entry.id   4WJS
#
_cell.length_a   48.155
_cell.length_b   48.832
_cell.length_c   58.625
_cell.angle_alpha   67.47
_cell.angle_beta   88.39
_cell.angle_gamma   62.65
#
_symmetry.space_group_name_H-M   'P 1'
#
loop_
_entity.id
_entity.type
_entity.pdbx_description
1 polymer Rsa4
2 water water
#
_entity_poly.entity_id   1
_entity_poly.type   'polypeptide(L)'
_entity_poly.pdbx_seq_one_letter_code
;DLGSFKANFIDSDGNQMTDVVEINFADATEKNISNLLNTLLGRDREEFTPYRFRIHIPGKDLIIDQYPNDLLSLLQKHGV
TNPFETTITLSAEPQAIFKVHAVSRLAHRIPGHGQPILSCQFSPVSSSRLATGSGDNTARIWDTDSGTPKFTLKGHTGWV
LGVSWSPDGKYLATCSMDTTVRVWDPESGKQVNQEFRGHAKWVLALAWQPYHLWRDGTARLASASKDCTVRIWLVNTGRT
EHVLSGHKGSVSCVKWGGTDLIYTGSHDRSVRVWDAVKGTLVHNFTAHGHWVNHIALSSDHVLRTAYHDHTKEVPGTEEE
RRAKAKERFEKAAKIKGKVAERLVSASDDFTMYLWDPTNNGSKPVARLLGHQNKVNHVQFSPDGTLIASAGWDNSTKLWN
ARDGKFIKNLRGHVAPVYQCAWSADSRLVVTGSKDCTLKVWNVRTGKLAMDLPGHEDEVYAVDWAADGELVASGGKDKAV
RTWRN
;
_entity_poly.pdbx_strand_id   A
#
# COMPACT_ATOMS: atom_id res chain seq x y z
N ASP A 1 -28.36 5.47 36.46
CA ASP A 1 -28.56 6.82 35.94
C ASP A 1 -29.01 6.78 34.49
N LEU A 2 -28.08 7.00 33.58
CA LEU A 2 -28.37 6.92 32.15
C LEU A 2 -28.82 5.51 31.80
N GLY A 3 -29.49 5.36 30.66
CA GLY A 3 -30.06 4.08 30.30
C GLY A 3 -29.08 3.06 29.75
N SER A 4 -29.62 1.99 29.17
CA SER A 4 -28.81 0.98 28.52
C SER A 4 -29.33 0.68 27.12
N PHE A 5 -28.55 -0.08 26.36
CA PHE A 5 -28.93 -0.46 25.02
C PHE A 5 -28.33 -1.82 24.71
N LYS A 6 -28.99 -2.58 23.86
CA LYS A 6 -28.42 -3.83 23.40
C LYS A 6 -27.54 -3.55 22.20
N ALA A 7 -26.35 -4.14 22.19
CA ALA A 7 -25.40 -3.93 21.12
C ALA A 7 -25.23 -5.18 20.28
N ASN A 8 -25.26 -4.99 18.97
CA ASN A 8 -25.06 -6.07 18.02
C ASN A 8 -23.76 -5.83 17.26
N PHE A 9 -22.70 -6.55 17.64
CA PHE A 9 -21.37 -6.35 17.06
C PHE A 9 -21.20 -7.16 15.79
N ILE A 10 -20.94 -6.47 14.68
CA ILE A 10 -20.68 -7.18 13.44
C ILE A 10 -19.31 -6.80 12.88
N ASP A 11 -18.64 -7.74 12.22
CA ASP A 11 -17.33 -7.44 11.65
C ASP A 11 -17.47 -6.75 10.28
N SER A 12 -16.35 -6.53 9.60
CA SER A 12 -16.36 -5.86 8.31
C SER A 12 -17.14 -6.64 7.25
N ASP A 13 -17.22 -7.95 7.44
CA ASP A 13 -17.98 -8.81 6.54
C ASP A 13 -19.48 -8.75 6.80
N GLY A 14 -19.87 -8.12 7.91
CA GLY A 14 -21.26 -8.01 8.28
C GLY A 14 -21.75 -9.16 9.14
N ASN A 15 -20.81 -10.00 9.59
CA ASN A 15 -21.16 -11.16 10.41
C ASN A 15 -21.09 -10.84 11.90
N GLN A 16 -22.08 -11.33 12.63
CA GLN A 16 -22.15 -11.11 14.06
C GLN A 16 -20.92 -11.70 14.74
N MET A 17 -20.34 -10.93 15.65
CA MET A 17 -19.07 -11.31 16.28
C MET A 17 -19.24 -11.97 17.63
N THR A 18 -20.36 -11.67 18.27
CA THR A 18 -20.67 -12.20 19.57
C THR A 18 -22.17 -12.07 19.75
N ASP A 19 -22.72 -12.75 20.75
CA ASP A 19 -24.13 -12.63 21.00
C ASP A 19 -24.44 -11.22 21.47
N VAL A 20 -25.69 -10.80 21.30
CA VAL A 20 -26.10 -9.47 21.69
C VAL A 20 -25.82 -9.26 23.18
N VAL A 21 -25.35 -8.07 23.55
CA VAL A 21 -25.02 -7.78 24.93
C VAL A 21 -25.51 -6.38 25.33
N GLU A 22 -25.96 -6.25 26.58
CA GLU A 22 -26.46 -4.97 27.09
C GLU A 22 -25.33 -4.09 27.62
N ILE A 23 -25.33 -2.82 27.23
CA ILE A 23 -24.29 -1.85 27.60
C ILE A 23 -24.92 -0.57 28.16
N ASN A 24 -24.45 -0.11 29.31
CA ASN A 24 -24.92 1.17 29.84
C ASN A 24 -24.40 2.34 29.00
N PHE A 25 -25.26 3.33 28.74
CA PHE A 25 -24.84 4.51 27.99
C PHE A 25 -23.76 5.29 28.72
N ALA A 26 -23.79 5.25 30.05
CA ALA A 26 -22.79 5.94 30.85
C ALA A 26 -21.40 5.37 30.61
N ASP A 27 -21.34 4.11 30.21
CA ASP A 27 -20.07 3.42 29.96
C ASP A 27 -19.72 3.35 28.47
N ALA A 28 -20.54 3.94 27.62
CA ALA A 28 -20.45 3.71 26.17
C ALA A 28 -19.36 4.51 25.44
N THR A 29 -18.16 4.51 25.96
CA THR A 29 -17.02 5.12 25.25
C THR A 29 -16.43 4.08 24.28
N GLU A 30 -15.74 4.54 23.25
CA GLU A 30 -15.19 3.61 22.26
C GLU A 30 -14.18 2.68 22.92
N LYS A 31 -13.40 3.23 23.84
CA LYS A 31 -12.41 2.48 24.61
C LYS A 31 -13.07 1.34 25.39
N ASN A 32 -14.09 1.69 26.18
CA ASN A 32 -14.78 0.73 27.01
C ASN A 32 -15.45 -0.36 26.16
N ILE A 33 -16.11 0.07 25.08
CA ILE A 33 -16.80 -0.88 24.22
C ILE A 33 -15.77 -1.77 23.51
N SER A 34 -14.63 -1.21 23.15
CA SER A 34 -13.56 -2.01 22.57
C SER A 34 -13.04 -3.00 23.60
N ASN A 35 -12.82 -2.51 24.83
CA ASN A 35 -12.43 -3.40 25.92
C ASN A 35 -13.45 -4.52 26.13
N LEU A 36 -14.73 -4.17 26.10
CA LEU A 36 -15.80 -5.15 26.26
C LEU A 36 -15.78 -6.20 25.16
N LEU A 37 -15.70 -5.77 23.90
CA LEU A 37 -15.69 -6.72 22.79
C LEU A 37 -14.53 -7.72 22.93
N ASN A 38 -13.35 -7.20 23.22
CA ASN A 38 -12.16 -8.04 23.41
C ASN A 38 -12.42 -9.09 24.49
N THR A 39 -13.06 -8.66 25.57
CA THR A 39 -13.39 -9.53 26.68
C THR A 39 -14.41 -10.60 26.30
N LEU A 40 -15.44 -10.19 25.54
CA LEU A 40 -16.48 -11.11 25.10
C LEU A 40 -15.93 -12.18 24.17
N LEU A 41 -14.86 -11.84 23.46
CA LEU A 41 -14.26 -12.71 22.46
C LEU A 41 -13.24 -13.66 23.07
N GLY A 42 -13.03 -13.55 24.38
CA GLY A 42 -12.14 -14.43 25.11
C GLY A 42 -10.66 -14.11 25.01
N ARG A 43 -10.35 -12.90 24.57
CA ARG A 43 -8.95 -12.51 24.37
C ARG A 43 -8.22 -12.38 25.69
N ASP A 44 -6.90 -12.57 25.64
CA ASP A 44 -6.06 -12.40 26.82
C ASP A 44 -5.82 -10.92 27.06
N ARG A 45 -5.84 -10.53 28.33
CA ARG A 45 -5.59 -9.16 28.78
C ARG A 45 -4.49 -8.46 27.98
N GLU A 46 -3.41 -9.19 27.73
CA GLU A 46 -2.24 -8.64 27.05
C GLU A 46 -2.26 -8.79 25.53
N GLU A 47 -3.36 -9.34 25.01
CA GLU A 47 -3.47 -9.56 23.57
C GLU A 47 -4.71 -8.91 22.96
N PHE A 48 -5.18 -7.83 23.59
CA PHE A 48 -6.37 -7.12 23.09
C PHE A 48 -6.09 -6.49 21.73
N THR A 49 -7.12 -6.53 20.88
CA THR A 49 -7.14 -5.79 19.62
C THR A 49 -7.89 -4.48 19.81
N PRO A 50 -7.23 -3.34 19.53
CA PRO A 50 -7.95 -2.06 19.60
C PRO A 50 -9.05 -1.96 18.54
N TYR A 51 -10.29 -1.73 18.95
CA TYR A 51 -11.39 -1.57 17.99
C TYR A 51 -11.87 -0.13 17.89
N ARG A 52 -12.25 0.27 16.68
CA ARG A 52 -13.09 1.43 16.46
C ARG A 52 -14.43 0.89 16.00
N PHE A 53 -15.49 1.68 16.16
CA PHE A 53 -16.82 1.21 15.84
C PHE A 53 -17.60 2.19 14.99
N ARG A 54 -18.02 1.70 13.82
CA ARG A 54 -18.94 2.41 12.97
C ARG A 54 -20.35 2.21 13.52
N ILE A 55 -21.03 3.30 13.84
CA ILE A 55 -22.36 3.20 14.40
C ILE A 55 -23.44 3.21 13.33
N HIS A 56 -24.27 2.18 13.33
CA HIS A 56 -25.41 2.09 12.42
C HIS A 56 -26.57 2.83 13.05
N ILE A 57 -26.90 3.99 12.48
CA ILE A 57 -27.98 4.79 13.02
C ILE A 57 -29.32 4.11 12.77
N PRO A 58 -29.99 3.68 13.85
CA PRO A 58 -31.26 2.97 13.76
C PRO A 58 -32.32 3.81 13.05
N GLY A 59 -33.08 3.20 12.15
CA GLY A 59 -34.13 3.89 11.43
C GLY A 59 -33.67 4.53 10.13
N LYS A 60 -32.38 4.45 9.82
CA LYS A 60 -31.90 5.01 8.56
C LYS A 60 -30.63 4.32 8.04
N ASP A 61 -30.24 4.69 6.81
CA ASP A 61 -29.16 4.00 6.10
C ASP A 61 -27.80 4.65 6.33
N LEU A 62 -27.69 5.42 7.41
CA LEU A 62 -26.46 6.15 7.67
C LEU A 62 -25.54 5.39 8.63
N ILE A 63 -24.26 5.31 8.25
CA ILE A 63 -23.24 4.68 9.09
C ILE A 63 -22.20 5.72 9.47
N ILE A 64 -22.10 6.01 10.77
CA ILE A 64 -21.15 6.99 11.28
C ILE A 64 -19.79 6.33 11.56
N ASP A 65 -18.74 6.84 10.95
CA ASP A 65 -17.41 6.24 11.09
C ASP A 65 -16.61 6.87 12.22
N GLN A 66 -16.96 8.09 12.61
CA GLN A 66 -16.28 8.75 13.71
C GLN A 66 -17.09 8.58 14.99
N TYR A 67 -16.50 7.91 15.97
CA TYR A 67 -17.21 7.65 17.20
C TYR A 67 -17.45 8.94 17.98
N PRO A 68 -18.68 9.16 18.43
CA PRO A 68 -19.13 10.37 19.12
C PRO A 68 -18.61 10.47 20.54
N ASN A 69 -18.45 11.69 21.05
CA ASN A 69 -18.06 11.87 22.44
C ASN A 69 -19.17 11.40 23.37
N ASP A 70 -20.41 11.46 22.89
CA ASP A 70 -21.59 11.02 23.66
C ASP A 70 -22.55 10.25 22.76
N LEU A 71 -22.54 8.92 22.87
CA LEU A 71 -23.35 8.08 21.99
C LEU A 71 -24.83 8.41 22.06
N LEU A 72 -25.34 8.59 23.26
CA LEU A 72 -26.76 8.85 23.47
C LEU A 72 -27.21 10.08 22.69
N SER A 73 -26.45 11.16 22.76
CA SER A 73 -26.82 12.39 22.06
C SER A 73 -26.73 12.24 20.53
N LEU A 74 -25.77 11.44 20.06
CA LEU A 74 -25.66 11.17 18.63
C LEU A 74 -26.93 10.50 18.13
N LEU A 75 -27.42 9.53 18.91
CA LEU A 75 -28.66 8.84 18.59
C LEU A 75 -29.85 9.78 18.61
N GLN A 76 -29.91 10.65 19.62
CA GLN A 76 -31.04 11.56 19.78
C GLN A 76 -31.04 12.64 18.69
N LYS A 77 -29.85 13.07 18.30
CA LYS A 77 -29.69 14.01 17.18
C LYS A 77 -30.27 13.42 15.90
N HIS A 78 -30.09 12.11 15.74
CA HIS A 78 -30.54 11.42 14.55
C HIS A 78 -31.97 10.90 14.69
N GLY A 79 -32.67 11.38 15.71
CA GLY A 79 -34.08 11.10 15.87
C GLY A 79 -34.40 9.67 16.25
N VAL A 80 -33.46 9.00 16.90
CA VAL A 80 -33.73 7.69 17.50
C VAL A 80 -34.65 7.91 18.71
N THR A 81 -35.94 7.68 18.50
CA THR A 81 -36.94 8.11 19.47
C THR A 81 -36.91 7.29 20.76
N ASN A 82 -36.53 6.02 20.67
CA ASN A 82 -36.41 5.20 21.86
C ASN A 82 -35.05 4.54 21.91
N PRO A 83 -34.04 5.27 22.37
CA PRO A 83 -32.66 4.75 22.37
C PRO A 83 -32.45 3.63 23.40
N PHE A 84 -33.40 3.44 24.30
CA PHE A 84 -33.22 2.49 25.39
C PHE A 84 -33.75 1.08 25.08
N GLU A 85 -34.50 0.96 23.99
CA GLU A 85 -35.03 -0.34 23.59
C GLU A 85 -34.87 -0.57 22.10
N THR A 86 -33.79 -0.02 21.53
CA THR A 86 -33.42 -0.29 20.16
C THR A 86 -32.03 -0.91 20.13
N THR A 87 -31.91 -2.06 19.49
CA THR A 87 -30.62 -2.71 19.35
C THR A 87 -29.76 -1.91 18.41
N ILE A 88 -28.57 -1.55 18.89
CA ILE A 88 -27.63 -0.77 18.09
C ILE A 88 -26.63 -1.69 17.42
N THR A 89 -26.55 -1.63 16.10
CA THR A 89 -25.53 -2.39 15.39
C THR A 89 -24.22 -1.61 15.35
N LEU A 90 -23.14 -2.26 15.76
CA LEU A 90 -21.82 -1.65 15.74
C LEU A 90 -20.88 -2.46 14.87
N SER A 91 -20.37 -1.85 13.81
CA SER A 91 -19.35 -2.51 13.01
C SER A 91 -17.99 -2.34 13.65
N ALA A 92 -17.35 -3.45 14.01
CA ALA A 92 -16.04 -3.41 14.62
C ALA A 92 -14.94 -3.44 13.58
N GLU A 93 -14.05 -2.46 13.64
CA GLU A 93 -12.90 -2.41 12.76
C GLU A 93 -11.64 -2.53 13.60
N PRO A 94 -10.90 -3.63 13.45
CA PRO A 94 -9.67 -3.80 14.21
C PRO A 94 -8.62 -2.76 13.83
N GLN A 95 -7.94 -2.21 14.84
CA GLN A 95 -6.87 -1.26 14.61
C GLN A 95 -5.51 -1.86 14.90
N ALA A 96 -4.47 -1.24 14.35
CA ALA A 96 -3.10 -1.63 14.61
C ALA A 96 -2.78 -1.51 16.10
N ILE A 97 -2.06 -2.51 16.62
CA ILE A 97 -1.61 -2.52 18.02
C ILE A 97 -0.56 -1.45 18.26
N PHE A 98 0.15 -1.07 17.21
CA PHE A 98 1.22 -0.08 17.31
C PHE A 98 0.77 1.23 16.69
N LYS A 99 1.48 2.31 17.00
CA LYS A 99 1.15 3.61 16.45
C LYS A 99 2.35 4.20 15.72
N VAL A 100 2.11 4.74 14.54
CA VAL A 100 3.14 5.45 13.80
C VAL A 100 2.99 6.96 14.00
N HIS A 101 4.03 7.60 14.50
CA HIS A 101 4.00 9.05 14.70
C HIS A 101 4.15 9.79 13.38
N ALA A 102 3.34 10.83 13.16
CA ALA A 102 3.44 11.61 11.93
C ALA A 102 4.83 12.26 11.86
N VAL A 103 5.52 12.10 10.74
CA VAL A 103 6.79 12.79 10.58
C VAL A 103 6.47 14.29 10.56
N SER A 104 7.40 15.11 11.03
CA SER A 104 7.07 16.50 11.30
C SER A 104 8.09 17.50 10.81
N ARG A 105 9.27 17.03 10.44
CA ARG A 105 10.36 17.93 10.06
C ARG A 105 11.46 17.22 9.30
N LEU A 106 12.33 17.98 8.65
CA LEU A 106 13.45 17.40 7.93
C LEU A 106 14.40 16.65 8.85
N ALA A 107 14.83 15.47 8.43
CA ALA A 107 15.87 14.74 9.13
C ALA A 107 17.19 15.05 8.44
N HIS A 108 17.29 14.69 7.17
CA HIS A 108 18.48 14.98 6.39
C HIS A 108 18.17 15.31 4.93
N ARG A 109 18.91 16.26 4.39
CA ARG A 109 18.97 16.46 2.94
C ARG A 109 20.27 15.84 2.46
N ILE A 110 20.18 14.89 1.54
CA ILE A 110 21.41 14.27 1.06
C ILE A 110 21.57 14.39 -0.44
N PRO A 111 22.54 15.19 -0.87
CA PRO A 111 22.77 15.29 -2.32
C PRO A 111 23.57 14.09 -2.83
N GLY A 112 23.68 13.95 -4.15
CA GLY A 112 24.45 12.86 -4.72
C GLY A 112 24.09 12.61 -6.17
N HIS A 113 22.79 12.47 -6.43
CA HIS A 113 22.31 12.23 -7.78
C HIS A 113 22.57 13.45 -8.65
N GLY A 114 22.91 13.23 -9.92
CA GLY A 114 23.16 14.31 -10.86
C GLY A 114 21.98 14.66 -11.75
N GLN A 115 20.89 13.90 -11.60
CA GLN A 115 19.65 14.12 -12.33
C GLN A 115 18.49 13.81 -11.38
N PRO A 116 17.25 14.16 -11.78
CA PRO A 116 16.13 13.89 -10.86
C PRO A 116 16.03 12.45 -10.33
N ILE A 117 15.57 12.36 -9.09
CA ILE A 117 15.17 11.09 -8.49
C ILE A 117 13.79 10.71 -9.00
N LEU A 118 13.67 9.49 -9.52
CA LEU A 118 12.42 8.99 -10.11
C LEU A 118 11.68 8.00 -9.22
N SER A 119 12.41 7.41 -8.27
CA SER A 119 11.90 6.31 -7.49
C SER A 119 12.61 6.26 -6.15
N CYS A 120 11.89 5.96 -5.07
CA CYS A 120 12.61 5.72 -3.83
C CYS A 120 11.82 4.76 -2.96
N GLN A 121 12.55 3.97 -2.19
CA GLN A 121 11.93 2.98 -1.33
C GLN A 121 12.86 2.60 -0.18
N PHE A 122 12.34 2.59 1.04
CA PHE A 122 13.06 2.07 2.19
C PHE A 122 13.22 0.56 2.14
N SER A 123 14.26 0.07 2.79
CA SER A 123 14.37 -1.36 3.06
C SER A 123 13.19 -1.84 3.88
N PRO A 124 12.76 -3.07 3.63
CA PRO A 124 11.66 -3.65 4.41
C PRO A 124 12.11 -4.01 5.82
N VAL A 125 13.42 -4.00 6.05
CA VAL A 125 13.98 -4.35 7.36
C VAL A 125 13.86 -3.21 8.37
N SER A 126 14.18 -2.00 7.94
CA SER A 126 14.14 -0.84 8.83
C SER A 126 14.34 0.44 8.03
N SER A 127 14.12 1.58 8.68
CA SER A 127 14.27 2.85 7.98
CA SER A 127 14.28 2.90 8.09
C SER A 127 15.74 3.23 7.82
N SER A 128 16.65 2.44 8.37
CA SER A 128 18.08 2.79 8.31
C SER A 128 18.66 2.77 6.89
N ARG A 129 18.03 2.06 5.96
CA ARG A 129 18.54 2.06 4.60
C ARG A 129 17.45 2.46 3.62
N LEU A 130 17.85 3.31 2.68
CA LEU A 130 16.96 3.84 1.66
C LEU A 130 17.59 3.67 0.27
N ALA A 131 16.79 3.26 -0.72
CA ALA A 131 17.23 3.22 -2.11
C ALA A 131 16.52 4.27 -2.97
N THR A 132 17.24 4.79 -3.95
CA THR A 132 16.67 5.73 -4.92
C THR A 132 17.08 5.32 -6.32
N GLY A 133 16.25 5.64 -7.31
CA GLY A 133 16.63 5.54 -8.72
C GLY A 133 16.54 6.87 -9.42
N SER A 134 17.49 7.15 -10.32
CA SER A 134 17.60 8.48 -10.90
C SER A 134 17.74 8.51 -12.41
N GLY A 135 17.44 9.67 -12.99
CA GLY A 135 17.68 9.93 -14.40
C GLY A 135 19.14 10.10 -14.73
N ASP A 136 20.01 10.01 -13.72
CA ASP A 136 21.45 10.00 -13.92
C ASP A 136 21.97 8.58 -14.16
N ASN A 137 21.03 7.66 -14.37
CA ASN A 137 21.29 6.26 -14.76
C ASN A 137 21.80 5.41 -13.62
N THR A 138 21.67 5.90 -12.39
CA THR A 138 22.11 5.15 -11.20
C THR A 138 21.00 4.91 -10.20
N ALA A 139 21.20 3.89 -9.39
CA ALA A 139 20.48 3.76 -8.15
C ALA A 139 21.47 4.14 -7.05
N ARG A 140 20.95 4.57 -5.92
CA ARG A 140 21.80 4.80 -4.76
C ARG A 140 21.21 4.19 -3.51
N ILE A 141 22.10 3.75 -2.62
CA ILE A 141 21.76 3.32 -1.28
C ILE A 141 22.23 4.39 -0.29
N TRP A 142 21.33 4.76 0.61
CA TRP A 142 21.62 5.80 1.59
C TRP A 142 21.57 5.26 3.02
N ASP A 143 22.50 5.72 3.86
CA ASP A 143 22.47 5.48 5.31
C ASP A 143 21.65 6.59 5.97
N THR A 144 20.41 6.28 6.35
CA THR A 144 19.55 7.32 6.90
C THR A 144 19.79 7.59 8.38
N ASP A 145 20.58 6.74 9.04
CA ASP A 145 20.97 7.02 10.42
C ASP A 145 21.78 8.33 10.49
N SER A 146 22.73 8.46 9.56
CA SER A 146 23.61 9.64 9.57
C SER A 146 23.32 10.64 8.45
N GLY A 147 22.48 10.23 7.50
CA GLY A 147 22.16 11.08 6.37
C GLY A 147 23.33 11.18 5.41
N THR A 148 23.90 10.02 5.09
CA THR A 148 25.08 9.97 4.21
C THR A 148 24.87 9.00 3.06
N PRO A 149 25.58 9.24 1.95
CA PRO A 149 25.56 8.23 0.89
C PRO A 149 26.23 6.94 1.34
N LYS A 150 25.69 5.81 0.91
CA LYS A 150 26.28 4.52 1.25
C LYS A 150 26.89 3.87 0.01
N PHE A 151 26.08 3.62 -1.02
CA PHE A 151 26.61 3.05 -2.26
C PHE A 151 26.01 3.73 -3.47
N THR A 152 26.81 3.86 -4.52
CA THR A 152 26.28 4.21 -5.83
C THR A 152 26.30 2.98 -6.71
N LEU A 153 25.13 2.58 -7.18
CA LEU A 153 24.98 1.38 -7.99
C LEU A 153 25.05 1.79 -9.46
N LYS A 154 26.23 1.65 -10.07
CA LYS A 154 26.44 2.01 -11.46
C LYS A 154 26.42 0.79 -12.38
N GLY A 155 25.88 0.97 -13.58
CA GLY A 155 25.88 -0.07 -14.60
C GLY A 155 24.85 0.18 -15.69
N HIS A 156 23.70 0.70 -15.29
CA HIS A 156 22.63 1.04 -16.23
C HIS A 156 23.09 2.15 -17.16
N THR A 157 22.61 2.13 -18.40
CA THR A 157 22.97 3.13 -19.40
C THR A 157 21.77 3.96 -19.81
N GLY A 158 20.73 3.90 -18.98
CA GLY A 158 19.55 4.71 -19.18
C GLY A 158 18.89 4.93 -17.83
N TRP A 159 17.92 5.83 -17.80
CA TRP A 159 17.25 6.20 -16.55
C TRP A 159 16.82 4.99 -15.74
N VAL A 160 17.04 5.05 -14.43
CA VAL A 160 16.55 4.02 -13.53
C VAL A 160 15.11 4.36 -13.13
N LEU A 161 14.15 3.67 -13.73
CA LEU A 161 12.74 4.07 -13.56
C LEU A 161 12.15 3.51 -12.29
N GLY A 162 12.74 2.44 -11.78
CA GLY A 162 12.19 1.85 -10.58
C GLY A 162 13.23 1.13 -9.75
N VAL A 163 13.12 1.24 -8.44
CA VAL A 163 13.89 0.40 -7.52
C VAL A 163 12.90 -0.36 -6.63
N SER A 164 13.27 -1.57 -6.24
CA SER A 164 12.38 -2.41 -5.46
C SER A 164 13.20 -3.39 -4.65
N TRP A 165 13.07 -3.31 -3.33
CA TRP A 165 13.75 -4.27 -2.46
C TRP A 165 13.05 -5.62 -2.49
N SER A 166 13.83 -6.70 -2.44
CA SER A 166 13.22 -8.01 -2.23
C SER A 166 12.58 -8.01 -0.85
N PRO A 167 11.52 -8.81 -0.67
CA PRO A 167 10.72 -8.68 0.55
C PRO A 167 11.50 -9.02 1.81
N ASP A 168 12.56 -9.82 1.68
CA ASP A 168 13.37 -10.16 2.84
C ASP A 168 14.50 -9.15 3.08
N GLY A 169 14.64 -8.19 2.18
CA GLY A 169 15.64 -7.14 2.29
C GLY A 169 17.02 -7.46 1.75
N LYS A 170 17.19 -8.64 1.18
CA LYS A 170 18.55 -9.09 0.81
C LYS A 170 19.01 -8.58 -0.54
N TYR A 171 18.05 -8.28 -1.42
CA TYR A 171 18.34 -7.77 -2.77
C TYR A 171 17.69 -6.42 -3.02
N LEU A 172 18.27 -5.66 -3.94
CA LEU A 172 17.55 -4.52 -4.51
C LEU A 172 17.52 -4.74 -6.02
N ALA A 173 16.34 -4.63 -6.63
CA ALA A 173 16.23 -4.71 -8.08
C ALA A 173 16.00 -3.32 -8.67
N THR A 174 16.55 -3.11 -9.86
CA THR A 174 16.37 -1.85 -10.57
C THR A 174 15.92 -2.14 -12.00
N CYS A 175 15.03 -1.31 -12.54
CA CYS A 175 14.67 -1.45 -13.95
C CYS A 175 14.95 -0.15 -14.69
N SER A 176 15.22 -0.25 -15.98
CA SER A 176 15.78 0.89 -16.70
C SER A 176 15.27 1.04 -18.13
N MET A 177 15.36 2.27 -18.62
CA MET A 177 15.14 2.56 -20.04
C MET A 177 16.13 1.82 -20.94
N ASP A 178 17.18 1.26 -20.37
CA ASP A 178 18.17 0.59 -21.20
C ASP A 178 17.77 -0.84 -21.51
N THR A 179 16.53 -1.18 -21.13
CA THR A 179 15.86 -2.44 -21.43
C THR A 179 16.31 -3.57 -20.50
N THR A 180 17.10 -3.24 -19.49
CA THR A 180 17.58 -4.29 -18.59
C THR A 180 17.04 -4.15 -17.18
N VAL A 181 17.12 -5.26 -16.44
CA VAL A 181 16.86 -5.29 -15.01
C VAL A 181 18.19 -5.68 -14.40
N ARG A 182 18.54 -5.04 -13.30
CA ARG A 182 19.75 -5.41 -12.57
CA ARG A 182 19.74 -5.42 -12.57
C ARG A 182 19.38 -5.74 -11.13
N VAL A 183 20.05 -6.71 -10.56
CA VAL A 183 19.81 -7.05 -9.18
C VAL A 183 21.10 -6.78 -8.42
N TRP A 184 20.97 -6.15 -7.25
CA TRP A 184 22.11 -5.68 -6.48
C TRP A 184 22.11 -6.20 -5.05
N ASP A 185 23.28 -6.24 -4.44
CA ASP A 185 23.42 -6.52 -3.01
C ASP A 185 23.55 -5.19 -2.26
N PRO A 186 22.52 -4.80 -1.49
CA PRO A 186 22.48 -3.49 -0.83
C PRO A 186 23.46 -3.37 0.34
N GLU A 187 23.96 -4.51 0.83
CA GLU A 187 24.93 -4.49 1.92
C GLU A 187 26.34 -4.23 1.42
N SER A 188 26.61 -4.59 0.17
CA SER A 188 27.95 -4.49 -0.37
C SER A 188 28.01 -3.46 -1.48
N GLY A 189 26.86 -3.20 -2.09
CA GLY A 189 26.80 -2.28 -3.21
C GLY A 189 27.17 -2.88 -4.56
N LYS A 190 27.38 -4.19 -4.59
CA LYS A 190 27.82 -4.86 -5.81
C LYS A 190 26.64 -5.42 -6.60
N GLN A 191 26.74 -5.35 -7.91
CA GLN A 191 25.75 -6.01 -8.75
C GLN A 191 25.82 -7.53 -8.56
N VAL A 192 24.67 -8.17 -8.50
CA VAL A 192 24.61 -9.62 -8.45
C VAL A 192 24.67 -10.14 -9.89
N ASN A 193 25.74 -10.82 -10.23
CA ASN A 193 25.89 -11.39 -11.57
C ASN A 193 25.72 -10.38 -12.70
N GLN A 194 25.16 -10.81 -13.83
CA GLN A 194 25.01 -9.93 -14.97
C GLN A 194 23.62 -9.34 -15.07
N GLU A 195 23.49 -8.30 -15.88
CA GLU A 195 22.20 -7.68 -16.12
C GLU A 195 21.25 -8.70 -16.73
N PHE A 196 19.97 -8.58 -16.38
CA PHE A 196 18.94 -9.45 -16.91
C PHE A 196 18.51 -8.89 -18.26
N ARG A 197 18.94 -9.54 -19.34
CA ARG A 197 18.63 -9.08 -20.69
C ARG A 197 17.52 -9.92 -21.32
N GLY A 198 16.69 -9.28 -22.13
CA GLY A 198 15.60 -10.00 -22.78
C GLY A 198 14.50 -9.07 -23.25
N HIS A 199 14.20 -8.05 -22.47
CA HIS A 199 13.18 -7.09 -22.92
C HIS A 199 13.69 -6.32 -24.12
N ALA A 200 12.78 -5.97 -25.02
CA ALA A 200 13.16 -5.30 -26.26
C ALA A 200 13.12 -3.79 -26.14
N LYS A 201 12.42 -3.29 -25.12
CA LYS A 201 12.27 -1.85 -24.90
C LYS A 201 12.36 -1.52 -23.42
N TRP A 202 12.12 -0.27 -23.07
CA TRP A 202 12.17 0.18 -21.68
C TRP A 202 11.52 -0.77 -20.69
N VAL A 203 12.20 -1.03 -19.58
CA VAL A 203 11.57 -1.76 -18.49
C VAL A 203 10.95 -0.78 -17.49
N LEU A 204 9.64 -0.90 -17.31
CA LEU A 204 8.88 0.16 -16.63
C LEU A 204 8.57 -0.11 -15.15
N ALA A 205 8.44 -1.37 -14.77
CA ALA A 205 8.01 -1.70 -13.41
C ALA A 205 8.54 -3.05 -12.99
N LEU A 206 8.66 -3.25 -11.67
CA LEU A 206 9.12 -4.50 -11.10
C LEU A 206 8.18 -5.00 -10.00
N ALA A 207 8.10 -6.31 -9.84
CA ALA A 207 7.38 -6.92 -8.72
C ALA A 207 8.11 -8.17 -8.28
N TRP A 208 8.57 -8.20 -7.04
CA TRP A 208 9.15 -9.42 -6.51
C TRP A 208 8.07 -10.45 -6.22
N GLN A 209 8.38 -11.72 -6.42
CA GLN A 209 7.51 -12.76 -5.89
C GLN A 209 7.55 -12.72 -4.36
N PRO A 210 6.37 -12.80 -3.72
CA PRO A 210 6.33 -12.85 -2.25
C PRO A 210 7.26 -13.93 -1.72
N TYR A 211 8.01 -13.57 -0.70
CA TYR A 211 8.96 -14.47 -0.05
C TYR A 211 8.43 -15.87 0.30
N HIS A 212 7.19 -15.97 0.75
CA HIS A 212 6.67 -17.26 1.20
C HIS A 212 6.35 -18.19 0.03
N LEU A 213 6.52 -17.69 -1.19
CA LEU A 213 6.25 -18.46 -2.39
C LEU A 213 7.51 -18.88 -3.13
N TRP A 214 8.66 -18.44 -2.65
CA TRP A 214 9.90 -18.76 -3.35
C TRP A 214 10.10 -20.26 -3.39
N ARG A 215 10.61 -20.75 -4.51
CA ARG A 215 10.91 -22.16 -4.68
C ARG A 215 12.13 -22.37 -5.56
N ASP A 216 12.60 -23.61 -5.67
CA ASP A 216 13.78 -23.94 -6.47
C ASP A 216 15.01 -23.18 -5.95
N GLY A 217 14.99 -22.86 -4.66
CA GLY A 217 16.11 -22.20 -4.02
C GLY A 217 16.44 -20.82 -4.54
N THR A 218 15.48 -20.16 -5.18
CA THR A 218 15.72 -18.85 -5.75
C THR A 218 14.53 -17.93 -5.51
N ALA A 219 14.81 -16.65 -5.42
CA ALA A 219 13.75 -15.65 -5.54
C ALA A 219 13.34 -15.56 -7.01
N ARG A 220 12.12 -15.11 -7.26
CA ARG A 220 11.67 -14.84 -8.62
C ARG A 220 11.28 -13.37 -8.66
N LEU A 221 11.40 -12.78 -9.84
CA LEU A 221 11.16 -11.37 -10.03
C LEU A 221 10.40 -11.14 -11.35
N ALA A 222 9.36 -10.29 -11.33
CA ALA A 222 8.64 -9.94 -12.55
C ALA A 222 9.00 -8.55 -13.02
N SER A 223 9.18 -8.38 -14.32
CA SER A 223 9.43 -7.07 -14.88
C SER A 223 8.40 -6.78 -15.99
N ALA A 224 7.88 -5.57 -15.99
CA ALA A 224 6.93 -5.14 -17.02
C ALA A 224 7.63 -4.18 -17.96
N SER A 225 7.36 -4.29 -19.27
CA SER A 225 8.09 -3.51 -20.27
C SER A 225 7.19 -2.87 -21.32
N LYS A 226 7.70 -1.80 -21.92
CA LYS A 226 7.13 -1.18 -23.11
C LYS A 226 6.99 -2.15 -24.27
N ASP A 227 7.71 -3.27 -24.21
CA ASP A 227 7.62 -4.27 -25.27
C ASP A 227 6.36 -5.13 -25.13
N CYS A 228 5.45 -4.70 -24.25
CA CYS A 228 4.12 -5.30 -24.07
C CYS A 228 4.15 -6.64 -23.36
N THR A 229 5.27 -6.98 -22.74
CA THR A 229 5.35 -8.26 -22.04
C THR A 229 5.76 -8.09 -20.59
N VAL A 230 5.48 -9.13 -19.80
CA VAL A 230 6.10 -9.28 -18.50
C VAL A 230 7.02 -10.49 -18.58
N ARG A 231 8.19 -10.38 -17.97
CA ARG A 231 9.07 -11.53 -17.88
C ARG A 231 9.23 -11.92 -16.42
N ILE A 232 9.19 -13.22 -16.17
CA ILE A 232 9.46 -13.72 -14.84
C ILE A 232 10.89 -14.24 -14.84
N TRP A 233 11.73 -13.71 -13.96
CA TRP A 233 13.12 -14.15 -13.89
C TRP A 233 13.40 -15.00 -12.68
N LEU A 234 14.24 -16.03 -12.87
CA LEU A 234 14.88 -16.74 -11.77
C LEU A 234 16.10 -15.96 -11.36
N VAL A 235 16.11 -15.43 -10.16
CA VAL A 235 17.14 -14.47 -9.79
C VAL A 235 18.52 -15.10 -9.69
N ASN A 236 18.60 -16.32 -9.21
CA ASN A 236 19.91 -16.98 -9.07
C ASN A 236 20.67 -17.21 -10.37
N THR A 237 19.92 -17.46 -11.43
CA THR A 237 20.52 -17.87 -12.70
C THR A 237 20.28 -16.86 -13.83
N GLY A 238 19.40 -15.91 -13.60
CA GLY A 238 19.12 -14.86 -14.57
C GLY A 238 18.33 -15.37 -15.77
N ARG A 239 17.76 -16.56 -15.63
CA ARG A 239 16.97 -17.19 -16.69
C ARG A 239 15.54 -16.67 -16.65
N THR A 240 14.95 -16.46 -17.82
CA THR A 240 13.54 -16.11 -17.91
C THR A 240 12.71 -17.39 -17.87
N GLU A 241 11.87 -17.51 -16.86
CA GLU A 241 11.03 -18.69 -16.71
C GLU A 241 9.82 -18.61 -17.62
N HIS A 242 9.12 -17.48 -17.56
CA HIS A 242 7.92 -17.25 -18.37
C HIS A 242 7.98 -15.88 -19.06
N VAL A 243 7.43 -15.82 -20.26
CA VAL A 243 7.14 -14.54 -20.86
C VAL A 243 5.63 -14.42 -20.94
N LEU A 244 5.07 -13.47 -20.19
CA LEU A 244 3.64 -13.23 -20.16
C LEU A 244 3.29 -12.34 -21.36
N SER A 245 2.74 -12.96 -22.41
CA SER A 245 2.46 -12.27 -23.67
C SER A 245 0.97 -12.23 -23.96
N GLY A 246 0.54 -11.13 -24.56
CA GLY A 246 -0.88 -10.96 -24.86
C GLY A 246 -1.29 -9.50 -24.88
N HIS A 247 -0.73 -8.70 -23.97
CA HIS A 247 -0.99 -7.26 -23.99
C HIS A 247 -0.64 -6.68 -25.34
N LYS A 248 -1.45 -5.74 -25.80
CA LYS A 248 -1.28 -5.18 -27.13
C LYS A 248 -0.61 -3.82 -27.04
N GLY A 249 -0.29 -3.42 -25.82
CA GLY A 249 0.39 -2.16 -25.57
C GLY A 249 1.32 -2.28 -24.38
N SER A 250 2.03 -1.20 -24.12
CA SER A 250 3.02 -1.15 -23.05
C SER A 250 2.48 -1.64 -21.69
N VAL A 251 3.23 -2.51 -21.02
CA VAL A 251 2.85 -2.93 -19.69
C VAL A 251 3.44 -1.96 -18.69
N SER A 252 2.61 -1.05 -18.21
CA SER A 252 3.06 0.08 -17.42
C SER A 252 3.24 -0.25 -15.94
N CYS A 253 2.59 -1.32 -15.48
CA CYS A 253 2.59 -1.63 -14.06
C CYS A 253 2.39 -3.13 -13.80
N VAL A 254 2.93 -3.61 -12.69
CA VAL A 254 2.90 -5.04 -12.40
C VAL A 254 2.95 -5.25 -10.88
N LYS A 255 2.16 -6.22 -10.38
CA LYS A 255 2.18 -6.62 -8.98
C LYS A 255 2.18 -8.15 -8.91
N TRP A 256 2.78 -8.70 -7.86
CA TRP A 256 2.81 -10.15 -7.66
C TRP A 256 2.13 -10.46 -6.34
N GLY A 257 0.98 -11.14 -6.39
CA GLY A 257 0.19 -11.40 -5.20
C GLY A 257 0.55 -12.64 -4.39
N GLY A 258 -0.06 -12.79 -3.22
CA GLY A 258 0.32 -13.82 -2.27
C GLY A 258 -0.21 -15.20 -2.57
N THR A 259 -1.01 -15.34 -3.63
CA THR A 259 -1.38 -16.67 -4.10
C THR A 259 -0.77 -16.96 -5.48
N ASP A 260 0.33 -16.27 -5.77
CA ASP A 260 1.13 -16.55 -6.96
C ASP A 260 0.33 -16.22 -8.22
N LEU A 261 -0.38 -15.10 -8.16
CA LEU A 261 -0.96 -14.50 -9.33
C LEU A 261 -0.19 -13.23 -9.63
N ILE A 262 0.04 -12.97 -10.90
CA ILE A 262 0.63 -11.70 -11.31
C ILE A 262 -0.45 -10.83 -11.94
N TYR A 263 -0.37 -9.54 -11.65
CA TYR A 263 -1.36 -8.56 -12.10
C TYR A 263 -0.70 -7.52 -12.98
N THR A 264 -1.28 -7.19 -14.13
CA THR A 264 -0.67 -6.20 -14.99
C THR A 264 -1.67 -5.17 -15.47
N GLY A 265 -1.17 -3.96 -15.73
CA GLY A 265 -1.97 -2.94 -16.37
C GLY A 265 -1.22 -2.47 -17.60
N SER A 266 -1.94 -2.08 -18.63
CA SER A 266 -1.32 -1.78 -19.90
C SER A 266 -1.92 -0.56 -20.58
N HIS A 267 -1.17 -0.01 -21.53
CA HIS A 267 -1.72 1.04 -22.40
C HIS A 267 -2.70 0.49 -23.41
N ASP A 268 -2.89 -0.84 -23.44
CA ASP A 268 -3.92 -1.39 -24.32
C ASP A 268 -5.26 -1.32 -23.59
N ARG A 269 -5.25 -0.59 -22.47
CA ARG A 269 -6.42 -0.25 -21.65
C ARG A 269 -6.95 -1.44 -20.83
N SER A 270 -6.23 -2.56 -20.84
CA SER A 270 -6.68 -3.73 -20.10
C SER A 270 -5.91 -3.95 -18.79
N VAL A 271 -6.53 -4.66 -17.86
CA VAL A 271 -5.86 -5.14 -16.67
C VAL A 271 -5.96 -6.65 -16.69
N ARG A 272 -4.84 -7.34 -16.50
CA ARG A 272 -4.83 -8.79 -16.63
C ARG A 272 -4.31 -9.48 -15.38
N VAL A 273 -4.82 -10.69 -15.17
CA VAL A 273 -4.39 -11.55 -14.08
C VAL A 273 -3.82 -12.83 -14.68
N TRP A 274 -2.61 -13.19 -14.23
CA TRP A 274 -1.85 -14.32 -14.75
C TRP A 274 -1.45 -15.30 -13.65
N ASP A 275 -1.49 -16.59 -13.99
CA ASP A 275 -0.97 -17.64 -13.12
C ASP A 275 0.55 -17.66 -13.24
N ALA A 276 1.24 -17.22 -12.18
CA ALA A 276 2.68 -17.07 -12.24
C ALA A 276 3.38 -18.41 -12.37
N VAL A 277 2.76 -19.47 -11.86
CA VAL A 277 3.42 -20.77 -11.91
C VAL A 277 3.39 -21.32 -13.32
N LYS A 278 2.24 -21.18 -13.98
CA LYS A 278 2.04 -21.72 -15.31
C LYS A 278 2.37 -20.71 -16.41
N GLY A 279 2.35 -19.42 -16.07
CA GLY A 279 2.57 -18.37 -17.05
C GLY A 279 1.38 -18.17 -17.99
N THR A 280 0.20 -18.51 -17.50
CA THR A 280 -1.02 -18.49 -18.31
C THR A 280 -1.94 -17.34 -17.92
N LEU A 281 -2.72 -16.86 -18.89
CA LEU A 281 -3.66 -15.77 -18.61
C LEU A 281 -4.89 -16.33 -17.91
N VAL A 282 -5.29 -15.67 -16.83
CA VAL A 282 -6.44 -16.10 -16.03
C VAL A 282 -7.64 -15.16 -16.20
N HIS A 283 -7.41 -13.86 -16.04
CA HIS A 283 -8.46 -12.84 -16.23
C HIS A 283 -7.99 -11.74 -17.17
N ASN A 284 -8.92 -11.23 -17.95
CA ASN A 284 -8.66 -10.10 -18.82
C ASN A 284 -9.76 -9.04 -18.65
N PHE A 285 -9.47 -8.04 -17.81
CA PHE A 285 -10.44 -6.98 -17.48
C PHE A 285 -10.34 -5.84 -18.48
N THR A 286 -11.42 -5.55 -19.18
CA THR A 286 -11.43 -4.56 -20.25
C THR A 286 -12.33 -3.35 -19.98
N ALA A 287 -12.59 -3.04 -18.71
CA ALA A 287 -13.54 -1.97 -18.38
C ALA A 287 -13.01 -0.56 -18.66
N HIS A 288 -11.69 -0.38 -18.59
CA HIS A 288 -11.09 0.95 -18.75
C HIS A 288 -11.21 1.48 -20.17
N GLY A 289 -11.40 2.79 -20.29
CA GLY A 289 -11.56 3.43 -21.58
C GLY A 289 -10.37 4.30 -21.94
N HIS A 290 -9.21 3.97 -21.36
CA HIS A 290 -7.98 4.72 -21.63
C HIS A 290 -6.79 3.93 -21.09
N TRP A 291 -5.59 4.37 -21.42
CA TRP A 291 -4.35 3.73 -20.94
C TRP A 291 -4.36 3.51 -19.43
N VAL A 292 -4.05 2.28 -19.00
CA VAL A 292 -3.89 2.01 -17.59
C VAL A 292 -2.43 2.23 -17.24
N ASN A 293 -2.19 3.05 -16.22
CA ASN A 293 -0.82 3.34 -15.82
C ASN A 293 -0.50 3.00 -14.37
N HIS A 294 -1.50 2.59 -13.59
CA HIS A 294 -1.24 2.26 -12.18
C HIS A 294 -2.18 1.18 -11.63
N ILE A 295 -1.62 0.20 -10.91
CA ILE A 295 -2.43 -0.78 -10.19
C ILE A 295 -1.89 -0.97 -8.79
N ALA A 296 -2.73 -1.47 -7.89
CA ALA A 296 -2.31 -1.71 -6.52
C ALA A 296 -3.09 -2.88 -5.97
N LEU A 297 -2.47 -3.67 -5.11
CA LEU A 297 -3.13 -4.77 -4.45
C LEU A 297 -3.38 -4.46 -2.99
N SER A 298 -4.46 -5.01 -2.45
CA SER A 298 -4.79 -4.78 -1.04
C SER A 298 -3.68 -5.30 -0.14
N SER A 299 -2.97 -6.30 -0.63
CA SER A 299 -1.96 -7.01 0.14
C SER A 299 -0.54 -6.49 -0.06
N ASP A 300 -0.39 -5.41 -0.82
CA ASP A 300 0.95 -4.91 -1.17
C ASP A 300 1.83 -4.66 0.06
N HIS A 301 1.29 -4.02 1.09
CA HIS A 301 2.18 -3.62 2.20
C HIS A 301 2.69 -4.81 3.01
N VAL A 302 1.81 -5.77 3.29
CA VAL A 302 2.23 -6.95 4.03
CA VAL A 302 2.22 -6.96 4.03
C VAL A 302 3.15 -7.82 3.19
N LEU A 303 2.92 -7.86 1.87
CA LEU A 303 3.81 -8.68 1.00
C LEU A 303 5.16 -8.00 0.78
N ARG A 304 5.16 -6.67 0.85
CA ARG A 304 6.38 -5.87 0.75
C ARG A 304 7.47 -6.25 1.76
N THR A 305 7.10 -6.76 2.94
CA THR A 305 8.09 -6.96 3.99
C THR A 305 8.20 -8.38 4.50
N ALA A 306 7.53 -9.33 3.83
CA ALA A 306 7.68 -10.75 4.17
C ALA A 306 7.47 -11.01 5.67
N TYR A 307 8.49 -11.51 6.35
CA TYR A 307 8.38 -11.83 7.77
C TYR A 307 8.75 -10.65 8.69
N HIS A 308 9.10 -9.50 8.11
CA HIS A 308 9.49 -8.34 8.90
C HIS A 308 8.26 -7.58 9.38
N ASP A 309 8.13 -7.34 10.70
CA ASP A 309 6.98 -6.57 11.17
C ASP A 309 7.36 -5.64 12.33
N HIS A 310 6.35 -4.98 12.90
CA HIS A 310 6.55 -3.98 13.95
C HIS A 310 7.27 -4.52 15.18
N THR A 311 7.30 -5.85 15.34
CA THR A 311 7.92 -6.48 16.50
C THR A 311 9.45 -6.53 16.42
N LYS A 312 9.96 -6.37 15.20
CA LYS A 312 11.39 -6.41 14.90
C LYS A 312 12.00 -7.77 15.18
N GLU A 313 11.14 -8.77 15.38
CA GLU A 313 11.59 -10.15 15.53
C GLU A 313 11.78 -10.83 14.17
N VAL A 314 12.96 -11.39 13.96
CA VAL A 314 13.19 -12.15 12.75
C VAL A 314 13.37 -13.61 13.08
N PRO A 315 12.54 -14.49 12.49
CA PRO A 315 12.64 -15.89 12.89
C PRO A 315 13.98 -16.52 12.47
N GLY A 316 14.36 -17.60 13.14
CA GLY A 316 15.70 -18.14 13.01
C GLY A 316 16.01 -18.88 11.74
N THR A 317 15.05 -19.66 11.25
CA THR A 317 15.29 -20.56 10.13
C THR A 317 14.49 -20.19 8.89
N GLU A 318 14.84 -20.80 7.76
CA GLU A 318 14.12 -20.63 6.50
C GLU A 318 12.64 -20.97 6.64
N GLU A 319 12.36 -22.12 7.27
CA GLU A 319 10.99 -22.58 7.42
C GLU A 319 10.16 -21.60 8.22
N GLU A 320 10.69 -21.16 9.35
CA GLU A 320 9.99 -20.22 10.22
C GLU A 320 9.76 -18.88 9.55
N ARG A 321 10.72 -18.47 8.72
CA ARG A 321 10.62 -17.22 8.01
C ARG A 321 9.48 -17.30 7.01
N ARG A 322 9.44 -18.41 6.28
CA ARG A 322 8.38 -18.66 5.30
C ARG A 322 7.02 -18.65 5.97
N ALA A 323 6.92 -19.38 7.07
CA ALA A 323 5.67 -19.52 7.82
C ALA A 323 5.14 -18.20 8.33
N LYS A 324 6.02 -17.38 8.91
CA LYS A 324 5.61 -16.07 9.40
C LYS A 324 5.17 -15.16 8.26
N ALA A 325 5.93 -15.15 7.17
CA ALA A 325 5.54 -14.35 6.01
C ALA A 325 4.17 -14.76 5.48
N LYS A 326 3.95 -16.06 5.40
CA LYS A 326 2.68 -16.57 4.87
C LYS A 326 1.52 -16.21 5.80
N GLU A 327 1.76 -16.36 7.09
CA GLU A 327 0.77 -16.12 8.12
C GLU A 327 0.36 -14.65 8.10
N ARG A 328 1.34 -13.75 7.98
CA ARG A 328 1.02 -12.34 7.89
C ARG A 328 0.16 -12.04 6.67
N PHE A 329 0.52 -12.62 5.52
CA PHE A 329 -0.27 -12.39 4.33
C PHE A 329 -1.69 -12.88 4.51
N GLU A 330 -1.84 -14.11 4.98
CA GLU A 330 -3.17 -14.71 5.06
C GLU A 330 -4.06 -13.99 6.05
N LYS A 331 -3.48 -13.51 7.15
CA LYS A 331 -4.25 -12.75 8.14
C LYS A 331 -4.74 -11.44 7.55
N ALA A 332 -3.94 -10.87 6.67
CA ALA A 332 -4.28 -9.57 6.08
C ALA A 332 -5.19 -9.68 4.86
N ALA A 333 -5.15 -10.82 4.17
CA ALA A 333 -5.83 -10.95 2.88
C ALA A 333 -7.13 -11.76 2.93
N LYS A 334 -7.46 -12.30 4.10
CA LYS A 334 -8.69 -13.08 4.23
C LYS A 334 -9.91 -12.20 4.36
N ILE A 335 -10.84 -12.31 3.41
CA ILE A 335 -12.17 -11.74 3.58
C ILE A 335 -13.20 -12.87 3.59
N LYS A 336 -14.14 -12.77 4.54
CA LYS A 336 -15.10 -13.84 4.82
C LYS A 336 -14.41 -15.17 5.09
N GLY A 337 -13.22 -15.11 5.69
CA GLY A 337 -12.50 -16.31 6.06
C GLY A 337 -11.69 -16.96 4.95
N LYS A 338 -11.82 -16.42 3.73
CA LYS A 338 -11.08 -16.94 2.59
C LYS A 338 -10.10 -15.90 2.10
N VAL A 339 -8.88 -16.34 1.76
CA VAL A 339 -7.91 -15.44 1.17
C VAL A 339 -8.46 -14.87 -0.14
N ALA A 340 -8.48 -13.54 -0.22
CA ALA A 340 -9.05 -12.85 -1.38
C ALA A 340 -8.46 -11.44 -1.52
N GLU A 341 -7.42 -11.30 -2.33
CA GLU A 341 -6.81 -10.00 -2.57
C GLU A 341 -7.72 -9.13 -3.42
N ARG A 342 -7.76 -7.84 -3.15
CA ARG A 342 -8.44 -6.90 -4.05
C ARG A 342 -7.42 -6.11 -4.87
N LEU A 343 -7.87 -5.62 -6.02
CA LEU A 343 -7.00 -4.92 -6.95
C LEU A 343 -7.64 -3.60 -7.34
N VAL A 344 -6.88 -2.51 -7.39
CA VAL A 344 -7.42 -1.27 -7.92
C VAL A 344 -6.54 -0.84 -9.09
N SER A 345 -7.16 -0.29 -10.13
CA SER A 345 -6.47 0.11 -11.34
C SER A 345 -6.91 1.51 -11.79
N ALA A 346 -6.03 2.24 -12.48
CA ALA A 346 -6.35 3.61 -12.92
C ALA A 346 -6.00 3.86 -14.37
N SER A 347 -6.89 4.53 -15.11
CA SER A 347 -6.60 4.91 -16.49
C SER A 347 -6.50 6.43 -16.64
N ASP A 348 -5.98 6.84 -17.79
CA ASP A 348 -5.72 8.25 -18.04
C ASP A 348 -7.00 9.05 -18.20
N ASP A 349 -8.15 8.38 -18.16
CA ASP A 349 -9.42 9.10 -18.26
C ASP A 349 -9.96 9.47 -16.88
N PHE A 350 -9.10 9.33 -15.87
CA PHE A 350 -9.32 9.80 -14.48
C PHE A 350 -10.08 8.76 -13.65
N THR A 351 -10.39 7.63 -14.27
CA THR A 351 -11.23 6.60 -13.67
C THR A 351 -10.40 5.56 -12.96
N MET A 352 -10.91 5.04 -11.86
CA MET A 352 -10.36 3.83 -11.26
C MET A 352 -11.40 2.71 -11.23
N TYR A 353 -10.95 1.45 -11.30
CA TYR A 353 -11.83 0.32 -11.08
C TYR A 353 -11.31 -0.50 -9.90
N LEU A 354 -12.25 -1.06 -9.14
CA LEU A 354 -11.95 -1.88 -7.98
C LEU A 354 -12.35 -3.31 -8.31
N TRP A 355 -11.41 -4.24 -8.15
CA TRP A 355 -11.63 -5.64 -8.54
C TRP A 355 -11.50 -6.65 -7.39
N ASP A 356 -12.34 -7.68 -7.42
CA ASP A 356 -12.21 -8.84 -6.54
C ASP A 356 -12.24 -10.10 -7.41
N PRO A 357 -11.07 -10.47 -7.97
CA PRO A 357 -11.02 -11.56 -8.93
C PRO A 357 -11.58 -12.88 -8.39
N THR A 358 -11.29 -13.17 -7.14
CA THR A 358 -11.75 -14.41 -6.53
C THR A 358 -13.26 -14.46 -6.50
N ASN A 359 -13.89 -13.41 -5.99
CA ASN A 359 -15.34 -13.44 -5.78
C ASN A 359 -16.17 -12.83 -6.89
N ASN A 360 -15.55 -12.06 -7.78
CA ASN A 360 -16.30 -11.39 -8.83
C ASN A 360 -15.84 -11.70 -10.26
N GLY A 361 -14.64 -12.26 -10.40
CA GLY A 361 -14.03 -12.41 -11.71
C GLY A 361 -13.92 -11.04 -12.37
N SER A 362 -14.37 -10.95 -13.61
CA SER A 362 -14.21 -9.72 -14.39
C SER A 362 -15.34 -8.70 -14.20
N LYS A 363 -16.28 -8.97 -13.29
CA LYS A 363 -17.24 -7.94 -12.91
C LYS A 363 -16.66 -7.06 -11.80
N PRO A 364 -16.41 -5.78 -12.10
CA PRO A 364 -15.79 -4.92 -11.08
C PRO A 364 -16.70 -4.73 -9.91
N VAL A 365 -16.10 -4.67 -8.73
CA VAL A 365 -16.79 -4.33 -7.51
C VAL A 365 -17.42 -2.95 -7.65
N ALA A 366 -16.63 -2.02 -8.19
CA ALA A 366 -17.06 -0.64 -8.32
C ALA A 366 -16.18 0.13 -9.29
N ARG A 367 -16.75 1.21 -9.82
CA ARG A 367 -16.00 2.21 -10.58
C ARG A 367 -15.86 3.44 -9.69
N LEU A 368 -14.64 3.96 -9.60
CA LEU A 368 -14.30 5.07 -8.69
C LEU A 368 -14.18 6.40 -9.45
N LEU A 369 -15.22 7.21 -9.40
CA LEU A 369 -15.27 8.48 -10.13
C LEU A 369 -15.18 9.67 -9.18
N GLY A 370 -14.42 10.68 -9.58
CA GLY A 370 -14.29 11.89 -8.79
C GLY A 370 -13.11 12.77 -9.17
N HIS A 371 -12.02 12.16 -9.63
CA HIS A 371 -10.85 12.93 -10.02
C HIS A 371 -11.16 13.78 -11.25
N GLN A 372 -10.52 14.95 -11.33
CA GLN A 372 -10.73 15.93 -12.39
C GLN A 372 -9.54 15.94 -13.32
N ASN A 373 -8.59 15.06 -13.07
CA ASN A 373 -7.42 14.91 -13.93
C ASN A 373 -6.85 13.52 -13.66
N LYS A 374 -5.74 13.18 -14.31
CA LYS A 374 -5.14 11.84 -14.16
C LYS A 374 -4.80 11.45 -12.73
N VAL A 375 -4.89 10.16 -12.44
CA VAL A 375 -4.38 9.59 -11.21
C VAL A 375 -2.90 9.22 -11.39
N ASN A 376 -2.02 9.72 -10.52
CA ASN A 376 -0.60 9.45 -10.71
C ASN A 376 -0.11 8.35 -9.79
N HIS A 377 -0.94 7.97 -8.82
CA HIS A 377 -0.54 6.94 -7.86
C HIS A 377 -1.77 6.45 -7.07
N VAL A 378 -1.80 5.16 -6.75
CA VAL A 378 -2.87 4.61 -5.95
C VAL A 378 -2.33 3.52 -5.02
N GLN A 379 -2.81 3.53 -3.78
CA GLN A 379 -2.31 2.61 -2.75
C GLN A 379 -3.45 2.18 -1.84
N PHE A 380 -3.58 0.89 -1.60
CA PHE A 380 -4.45 0.43 -0.52
C PHE A 380 -3.77 0.73 0.79
N SER A 381 -4.55 1.01 1.82
CA SER A 381 -3.98 1.04 3.16
C SER A 381 -3.46 -0.35 3.51
N PRO A 382 -2.43 -0.43 4.36
CA PRO A 382 -1.87 -1.73 4.79
C PRO A 382 -2.94 -2.70 5.29
N ASP A 383 -3.96 -2.20 5.99
CA ASP A 383 -5.02 -3.09 6.48
C ASP A 383 -6.09 -3.40 5.43
N GLY A 384 -5.94 -2.85 4.23
CA GLY A 384 -6.86 -3.14 3.14
C GLY A 384 -8.25 -2.55 3.24
N THR A 385 -8.47 -1.61 4.17
CA THR A 385 -9.80 -1.02 4.34
C THR A 385 -10.02 0.23 3.49
N LEU A 386 -8.93 0.89 3.10
CA LEU A 386 -9.03 2.16 2.40
C LEU A 386 -8.14 2.17 1.15
N ILE A 387 -8.50 3.06 0.23
CA ILE A 387 -7.70 3.33 -0.96
C ILE A 387 -7.39 4.82 -0.99
N ALA A 388 -6.12 5.16 -1.21
CA ALA A 388 -5.76 6.54 -1.42
C ALA A 388 -5.35 6.73 -2.88
N SER A 389 -5.84 7.78 -3.53
CA SER A 389 -5.44 8.04 -4.92
C SER A 389 -4.91 9.46 -5.08
N ALA A 390 -3.71 9.58 -5.64
CA ALA A 390 -3.05 10.87 -5.82
C ALA A 390 -3.36 11.41 -7.21
N GLY A 391 -3.92 12.61 -7.28
CA GLY A 391 -4.37 13.13 -8.56
C GLY A 391 -3.58 14.30 -9.09
N TRP A 392 -3.55 14.42 -10.42
CA TRP A 392 -3.03 15.60 -11.09
C TRP A 392 -3.92 16.82 -10.82
N ASP A 393 -5.09 16.59 -10.24
CA ASP A 393 -6.01 17.67 -9.92
C ASP A 393 -5.73 18.28 -8.53
N ASN A 394 -4.48 18.11 -8.07
CA ASN A 394 -4.00 18.65 -6.79
C ASN A 394 -4.62 18.00 -5.54
N SER A 395 -5.38 16.94 -5.73
CA SER A 395 -6.04 16.30 -4.60
C SER A 395 -5.59 14.85 -4.41
N THR A 396 -5.70 14.37 -3.17
CA THR A 396 -5.64 12.94 -2.87
C THR A 396 -7.00 12.53 -2.33
N LYS A 397 -7.56 11.45 -2.86
CA LYS A 397 -8.90 11.04 -2.47
C LYS A 397 -8.86 9.73 -1.70
N LEU A 398 -9.74 9.61 -0.72
CA LEU A 398 -9.86 8.39 0.07
C LEU A 398 -11.15 7.68 -0.30
N TRP A 399 -11.07 6.37 -0.51
CA TRP A 399 -12.21 5.56 -0.93
C TRP A 399 -12.31 4.33 -0.03
N ASN A 400 -13.53 3.87 0.18
CA ASN A 400 -13.78 2.61 0.86
C ASN A 400 -13.28 1.43 0.04
N ALA A 401 -12.35 0.62 0.57
CA ALA A 401 -11.76 -0.44 -0.23
C ALA A 401 -12.68 -1.64 -0.41
N ARG A 402 -13.76 -1.68 0.36
CA ARG A 402 -14.69 -2.80 0.30
C ARG A 402 -15.76 -2.59 -0.78
N ASP A 403 -16.27 -1.37 -0.91
CA ASP A 403 -17.32 -1.14 -1.90
C ASP A 403 -17.02 -0.02 -2.91
N GLY A 404 -15.82 0.55 -2.85
CA GLY A 404 -15.39 1.58 -3.79
C GLY A 404 -15.98 2.99 -3.59
N LYS A 405 -16.79 3.15 -2.56
CA LYS A 405 -17.41 4.45 -2.30
C LYS A 405 -16.38 5.53 -1.97
N PHE A 406 -16.54 6.69 -2.60
CA PHE A 406 -15.77 7.87 -2.24
C PHE A 406 -16.06 8.25 -0.78
N ILE A 407 -15.01 8.58 -0.04
CA ILE A 407 -15.14 9.01 1.35
C ILE A 407 -14.79 10.48 1.55
N LYS A 408 -13.58 10.89 1.17
CA LYS A 408 -13.22 12.29 1.40
C LYS A 408 -12.04 12.77 0.56
N ASN A 409 -12.00 14.08 0.37
CA ASN A 409 -10.87 14.76 -0.26
C ASN A 409 -9.82 15.13 0.75
N LEU A 410 -8.56 15.00 0.35
CA LEU A 410 -7.46 15.57 1.10
C LEU A 410 -7.00 16.81 0.34
N ARG A 411 -7.50 17.98 0.72
CA ARG A 411 -7.17 19.23 0.02
C ARG A 411 -6.06 20.02 0.70
N GLY A 412 -5.14 20.55 -0.10
CA GLY A 412 -4.01 21.26 0.45
C GLY A 412 -2.91 21.53 -0.55
N HIS A 413 -2.58 20.53 -1.39
CA HIS A 413 -1.58 20.75 -2.42
C HIS A 413 -2.13 21.75 -3.44
N VAL A 414 -1.24 22.55 -4.01
CA VAL A 414 -1.64 23.57 -4.98
C VAL A 414 -1.15 23.21 -6.38
N ALA A 415 -0.66 21.99 -6.52
CA ALA A 415 -0.15 21.49 -7.80
C ALA A 415 -0.29 19.98 -7.79
N PRO A 416 -0.18 19.32 -8.97
CA PRO A 416 -0.37 17.88 -9.07
C PRO A 416 0.27 17.07 -7.94
N VAL A 417 -0.46 16.06 -7.47
CA VAL A 417 0.05 15.17 -6.46
C VAL A 417 0.58 13.93 -7.16
N TYR A 418 1.87 13.65 -6.98
CA TYR A 418 2.52 12.62 -7.77
C TYR A 418 2.57 11.25 -7.08
N GLN A 419 2.69 11.24 -5.76
CA GLN A 419 2.68 9.95 -5.06
C GLN A 419 2.10 10.07 -3.68
N CYS A 420 1.61 8.95 -3.18
CA CYS A 420 1.21 8.89 -1.79
C CYS A 420 1.81 7.64 -1.14
N ALA A 421 1.89 7.65 0.18
CA ALA A 421 2.42 6.51 0.90
C ALA A 421 1.74 6.42 2.26
N TRP A 422 1.25 5.23 2.58
CA TRP A 422 0.60 4.97 3.85
C TRP A 422 1.58 4.72 4.98
N SER A 423 1.23 5.19 6.18
CA SER A 423 1.92 4.72 7.39
C SER A 423 1.50 3.27 7.65
N ALA A 424 2.34 2.52 8.36
CA ALA A 424 2.15 1.08 8.50
C ALA A 424 0.91 0.72 9.29
N ASP A 425 0.44 1.66 10.11
CA ASP A 425 -0.74 1.43 10.93
C ASP A 425 -2.03 1.93 10.27
N SER A 426 -1.94 2.30 8.99
CA SER A 426 -3.09 2.71 8.19
C SER A 426 -3.73 3.99 8.70
N ARG A 427 -3.05 4.74 9.56
CA ARG A 427 -3.69 5.91 10.15
C ARG A 427 -3.36 7.21 9.43
N LEU A 428 -2.23 7.22 8.74
CA LEU A 428 -1.74 8.42 8.10
C LEU A 428 -1.36 8.15 6.64
N VAL A 429 -1.40 9.18 5.82
CA VAL A 429 -0.86 9.09 4.46
C VAL A 429 0.02 10.30 4.16
N VAL A 430 1.16 10.08 3.52
CA VAL A 430 2.00 11.23 3.13
C VAL A 430 1.99 11.38 1.62
N THR A 431 1.91 12.62 1.15
CA THR A 431 1.85 12.88 -0.27
C THR A 431 2.99 13.79 -0.70
N GLY A 432 3.40 13.67 -1.95
CA GLY A 432 4.44 14.53 -2.51
C GLY A 432 3.90 15.14 -3.78
N SER A 433 4.18 16.42 -3.97
CA SER A 433 3.52 17.18 -5.02
C SER A 433 4.48 17.93 -5.95
N LYS A 434 3.93 18.33 -7.09
CA LYS A 434 4.62 19.24 -8.00
C LYS A 434 4.92 20.54 -7.30
N ASP A 435 4.22 20.82 -6.21
CA ASP A 435 4.37 22.10 -5.52
C ASP A 435 5.54 22.11 -4.54
N CYS A 436 6.35 21.04 -4.57
CA CYS A 436 7.61 20.93 -3.85
C CYS A 436 7.46 20.62 -2.36
N THR A 437 6.23 20.34 -1.92
CA THR A 437 5.99 20.00 -0.53
C THR A 437 5.61 18.55 -0.33
N LEU A 438 5.81 18.06 0.89
CA LEU A 438 5.16 16.85 1.35
C LEU A 438 4.09 17.27 2.34
N LYS A 439 2.99 16.53 2.36
CA LYS A 439 1.96 16.79 3.36
C LYS A 439 1.53 15.48 4.00
N VAL A 440 1.43 15.48 5.32
CA VAL A 440 0.97 14.31 6.05
C VAL A 440 -0.48 14.51 6.44
N TRP A 441 -1.31 13.51 6.16
CA TRP A 441 -2.74 13.62 6.34
C TRP A 441 -3.24 12.64 7.39
N ASN A 442 -4.12 13.15 8.24
CA ASN A 442 -4.82 12.34 9.23
C ASN A 442 -6.02 11.71 8.56
N VAL A 443 -5.94 10.41 8.30
CA VAL A 443 -6.95 9.74 7.50
C VAL A 443 -8.34 9.74 8.15
N ARG A 444 -8.36 9.57 9.47
CA ARG A 444 -9.62 9.47 10.22
C ARG A 444 -10.35 10.81 10.24
N THR A 445 -9.60 11.89 10.32
CA THR A 445 -10.22 13.20 10.44
C THR A 445 -10.29 13.93 9.11
N GLY A 446 -9.53 13.45 8.12
CA GLY A 446 -9.51 14.06 6.81
C GLY A 446 -8.67 15.33 6.72
N LYS A 447 -7.97 15.62 7.80
CA LYS A 447 -7.27 16.89 7.95
C LYS A 447 -5.77 16.81 7.73
N LEU A 448 -5.20 17.91 7.26
CA LEU A 448 -3.75 18.06 7.18
C LEU A 448 -3.13 17.98 8.57
N ALA A 449 -2.25 17.02 8.78
CA ALA A 449 -1.62 16.85 10.08
C ALA A 449 -0.29 17.57 10.11
N MET A 450 0.40 17.60 8.98
CA MET A 450 1.73 18.18 8.93
C MET A 450 2.06 18.65 7.52
N ASP A 451 2.53 19.88 7.39
CA ASP A 451 2.99 20.39 6.09
C ASP A 451 4.51 20.45 6.07
N LEU A 452 5.12 19.90 5.02
CA LEU A 452 6.56 19.75 4.97
C LEU A 452 7.19 20.38 3.74
N PRO A 453 7.41 21.70 3.80
CA PRO A 453 8.19 22.38 2.76
C PRO A 453 9.67 22.04 2.91
N GLY A 454 10.47 22.27 1.89
CA GLY A 454 11.89 21.98 1.97
C GLY A 454 12.52 21.75 0.60
N HIS A 455 11.90 20.88 -0.20
CA HIS A 455 12.39 20.60 -1.55
C HIS A 455 12.46 21.88 -2.36
N GLU A 456 13.51 22.04 -3.16
CA GLU A 456 13.68 23.22 -3.99
C GLU A 456 12.95 23.07 -5.34
N ASP A 457 12.46 21.86 -5.60
CA ASP A 457 11.76 21.60 -6.85
C ASP A 457 10.77 20.44 -6.69
N GLU A 458 10.12 20.10 -7.80
CA GLU A 458 9.03 19.11 -7.80
C GLU A 458 9.41 17.79 -7.14
N VAL A 459 8.47 17.23 -6.39
CA VAL A 459 8.63 15.92 -5.75
C VAL A 459 7.97 14.81 -6.58
N TYR A 460 8.76 13.80 -6.96
CA TYR A 460 8.28 12.75 -7.85
C TYR A 460 7.99 11.46 -7.10
N ALA A 461 8.71 11.27 -6.00
CA ALA A 461 8.70 9.99 -5.31
C ALA A 461 8.65 10.18 -3.81
N VAL A 462 7.86 9.34 -3.13
CA VAL A 462 7.79 9.33 -1.67
C VAL A 462 7.64 7.89 -1.15
N ASP A 463 8.15 7.63 0.05
CA ASP A 463 7.91 6.34 0.70
C ASP A 463 7.86 6.52 2.21
N TRP A 464 7.02 5.73 2.87
CA TRP A 464 7.01 5.73 4.32
C TRP A 464 7.50 4.36 4.76
N ALA A 465 8.59 4.35 5.52
CA ALA A 465 9.25 3.09 5.85
C ALA A 465 8.26 2.21 6.60
N ALA A 466 8.33 0.91 6.38
CA ALA A 466 7.40 0.01 7.07
C ALA A 466 7.52 0.06 8.59
N ASP A 467 8.68 0.43 9.13
CA ASP A 467 8.80 0.46 10.59
C ASP A 467 8.27 1.78 11.13
N GLY A 468 7.91 2.68 10.22
CA GLY A 468 7.22 3.89 10.65
C GLY A 468 8.09 5.10 10.91
N GLU A 469 9.38 4.90 11.08
CA GLU A 469 10.21 5.95 11.67
C GLU A 469 10.49 7.11 10.73
N LEU A 470 10.72 6.81 9.46
CA LEU A 470 11.14 7.84 8.50
C LEU A 470 10.28 7.85 7.27
N VAL A 471 10.09 9.04 6.71
CA VAL A 471 9.57 9.22 5.35
C VAL A 471 10.71 9.68 4.45
N ALA A 472 10.75 9.24 3.20
CA ALA A 472 11.75 9.75 2.26
C ALA A 472 11.08 10.35 1.04
N SER A 473 11.73 11.34 0.43
CA SER A 473 11.22 11.92 -0.80
C SER A 473 12.34 12.34 -1.73
N GLY A 474 12.03 12.41 -3.01
CA GLY A 474 12.96 12.90 -4.01
C GLY A 474 12.25 13.29 -5.30
N GLY A 475 12.93 14.11 -6.11
CA GLY A 475 12.36 14.61 -7.34
C GLY A 475 13.36 15.42 -8.16
N LYS A 476 12.90 16.53 -8.71
CA LYS A 476 13.64 17.30 -9.70
C LYS A 476 14.88 18.02 -9.13
N ASP A 477 14.89 18.35 -7.84
CA ASP A 477 16.03 19.06 -7.27
C ASP A 477 17.19 18.12 -6.90
N LYS A 478 17.00 16.82 -7.16
CA LYS A 478 18.05 15.79 -7.15
C LYS A 478 18.48 15.26 -5.77
N ALA A 479 18.27 16.03 -4.70
CA ALA A 479 18.71 15.59 -3.37
C ALA A 479 17.64 14.78 -2.67
N VAL A 480 18.03 13.68 -2.05
CA VAL A 480 17.07 12.92 -1.24
C VAL A 480 16.82 13.69 0.05
N ARG A 481 15.59 13.58 0.55
CA ARG A 481 15.25 14.16 1.84
C ARG A 481 14.59 13.09 2.70
N THR A 482 15.00 13.01 3.95
CA THR A 482 14.34 12.13 4.90
C THR A 482 13.65 13.00 5.94
N TRP A 483 12.54 12.50 6.45
CA TRP A 483 11.69 13.28 7.33
C TRP A 483 11.44 12.46 8.57
N ARG A 484 11.51 13.11 9.73
CA ARG A 484 11.33 12.43 10.99
C ARG A 484 10.28 13.08 11.88
N ASN A 485 9.83 12.34 12.86
CA ASN A 485 8.92 12.86 13.87
C ASN A 485 9.57 13.85 14.85
#